data_4DJS
#
_entry.id   4DJS
#
_cell.length_a   63.060
_cell.length_b   74.808
_cell.length_c   135.714
_cell.angle_alpha   90.00
_cell.angle_beta   90.00
_cell.angle_gamma   90.00
#
_symmetry.space_group_name_H-M   'P 21 21 21'
#
loop_
_entity.id
_entity.type
_entity.pdbx_description
1 polymer 'Catenin beta-1'
2 polymer 'stapled peptide RRWPQ(MK8)ILD(MK8)HVRRVWR'
#
loop_
_entity_poly.entity_id
_entity_poly.type
_entity_poly.pdbx_seq_one_letter_code
_entity_poly.pdbx_strand_id
1 'polypeptide(L)'
;LATRAIPELTKLLNDEDQVVVNKAAVMVHQLSKKEASRHAIMRSPQMVSAIVRTMQNTNDVETARCTAGTLHNLSHHREG
LLAIFKSGGIPALVKMLGSPVDSVLFYAITTLHNLLLHQEGAKMAVRLAGGLQKMVALLNKTNVKFLAITTDCLQILAYG
NQESKLIILASGGPQALVNIMRTYTYEKLLWTTSRVLKVLSVCSSNKPAIVEAGGMQALGLHLTDPSQRLVQNCLWTLRN
LSDAATKQEGMEGLLGTLVQLLGSDDINVVTCAAGILSNLTCNNYKNKMMVCQVGGIEALVRTVLRAGDREDITEPAICA
LRHLTSRHQEAEMAQNAVRLHYGLPVVVKLLHPPSHWPLIKATVGLIRNLALCPANHAPLREQGAIPRLVQLLVRAHQDT
QRRTSMGGTQQQFVEGVRMEEIVEGCTGALHILARDVHNRIVIRGLNTIPLFVQLLYSPIENIQRVAAGVLCELAQDKEA
AEAIEAEGATAPLTELLHSRNEGVATYAAAVLFRMSED
;
A
2 'polypeptide(L)' RRWPQ(MK8)ILD(MK8)HVRRVWR B
#
# COMPACT_ATOMS: atom_id res chain seq x y z
N LEU A 1 -5.82 -53.80 26.34
CA LEU A 1 -7.23 -53.99 26.63
C LEU A 1 -8.05 -52.83 26.08
N ALA A 2 -7.51 -51.62 26.17
CA ALA A 2 -8.19 -50.43 25.67
C ALA A 2 -8.29 -50.44 24.16
N THR A 3 -7.32 -51.07 23.51
CA THR A 3 -7.28 -51.14 22.05
C THR A 3 -8.30 -52.13 21.52
N ARG A 4 -8.92 -52.88 22.42
CA ARG A 4 -9.90 -53.89 22.04
C ARG A 4 -11.32 -53.33 22.05
N ALA A 5 -11.49 -52.20 22.73
CA ALA A 5 -12.79 -51.56 22.82
C ALA A 5 -13.07 -50.66 21.61
N ILE A 6 -12.00 -50.11 21.04
CA ILE A 6 -12.13 -49.19 19.91
C ILE A 6 -12.87 -49.81 18.73
N PRO A 7 -12.45 -50.99 18.26
CA PRO A 7 -13.14 -51.61 17.11
C PRO A 7 -14.59 -51.97 17.44
N GLU A 8 -14.95 -51.88 18.71
CA GLU A 8 -16.33 -52.13 19.14
C GLU A 8 -17.13 -50.84 19.11
N LEU A 9 -16.55 -49.77 19.66
CA LEU A 9 -17.18 -48.46 19.67
C LEU A 9 -17.45 -47.98 18.24
N THR A 10 -16.50 -48.25 17.35
CA THR A 10 -16.68 -47.93 15.94
C THR A 10 -18.00 -48.52 15.46
N LYS A 11 -18.20 -49.81 15.72
CA LYS A 11 -19.43 -50.49 15.36
C LYS A 11 -20.63 -49.71 15.85
N LEU A 12 -20.52 -49.20 17.08
CA LEU A 12 -21.64 -48.54 17.74
C LEU A 12 -22.00 -47.20 17.11
N LEU A 13 -20.97 -46.44 16.73
CA LEU A 13 -21.19 -45.14 16.07
C LEU A 13 -22.00 -45.32 14.78
N ASN A 14 -21.76 -46.42 14.08
CA ASN A 14 -22.45 -46.70 12.83
C ASN A 14 -23.88 -47.20 13.04
N ASP A 15 -24.17 -47.66 14.26
CA ASP A 15 -25.50 -48.15 14.60
C ASP A 15 -26.58 -47.14 14.20
N GLU A 16 -27.76 -47.65 13.89
CA GLU A 16 -28.87 -46.81 13.42
C GLU A 16 -29.56 -46.07 14.54
N ASP A 17 -29.82 -46.76 15.64
CA ASP A 17 -30.51 -46.17 16.80
C ASP A 17 -29.76 -44.96 17.34
N GLN A 18 -30.39 -43.79 17.26
CA GLN A 18 -29.77 -42.55 17.71
C GLN A 18 -29.89 -42.37 19.22
N VAL A 19 -30.12 -43.47 19.93
CA VAL A 19 -30.15 -43.43 21.40
C VAL A 19 -28.86 -44.02 21.95
N VAL A 20 -28.28 -44.95 21.19
CA VAL A 20 -27.03 -45.58 21.57
C VAL A 20 -25.85 -44.89 20.88
N VAL A 21 -26.11 -44.37 19.69
CA VAL A 21 -25.10 -43.59 18.97
C VAL A 21 -24.67 -42.41 19.81
N ASN A 22 -25.62 -41.76 20.47
CA ASN A 22 -25.33 -40.69 21.40
C ASN A 22 -24.40 -41.18 22.50
N LYS A 23 -24.71 -42.35 23.04
CA LYS A 23 -23.90 -42.96 24.09
C LYS A 23 -22.49 -43.23 23.59
N ALA A 24 -22.39 -43.88 22.44
CA ALA A 24 -21.10 -44.19 21.83
C ALA A 24 -20.28 -42.92 21.64
N ALA A 25 -20.92 -41.87 21.13
CA ALA A 25 -20.24 -40.59 20.92
C ALA A 25 -19.76 -40.02 22.25
N VAL A 26 -20.55 -40.22 23.30
CA VAL A 26 -20.20 -39.69 24.61
C VAL A 26 -18.99 -40.40 25.21
N MET A 27 -18.94 -41.72 25.08
CA MET A 27 -17.82 -42.49 25.59
C MET A 27 -16.54 -42.14 24.83
N VAL A 28 -16.64 -42.05 23.51
CA VAL A 28 -15.50 -41.64 22.69
C VAL A 28 -15.02 -40.27 23.12
N HIS A 29 -15.96 -39.36 23.32
CA HIS A 29 -15.65 -38.00 23.78
C HIS A 29 -14.83 -38.02 25.06
N GLN A 30 -15.18 -38.92 25.98
CA GLN A 30 -14.47 -39.03 27.25
C GLN A 30 -13.11 -39.69 27.06
N LEU A 31 -12.98 -40.50 26.02
CA LEU A 31 -11.71 -41.16 25.72
C LEU A 31 -10.81 -40.26 24.89
N SER A 32 -10.80 -38.97 25.20
CA SER A 32 -10.00 -38.00 24.47
C SER A 32 -9.03 -37.27 25.40
N LYS A 33 -9.23 -37.44 26.70
CA LYS A 33 -8.36 -36.79 27.69
C LYS A 33 -7.26 -37.72 28.15
N LYS A 34 -7.45 -39.03 27.89
CA LYS A 34 -6.47 -40.03 28.28
C LYS A 34 -5.39 -40.15 27.21
N GLU A 35 -4.13 -40.02 27.62
CA GLU A 35 -3.01 -40.13 26.70
C GLU A 35 -3.01 -41.49 26.01
N ALA A 36 -3.68 -42.46 26.61
CA ALA A 36 -3.75 -43.81 26.07
C ALA A 36 -4.92 -43.99 25.12
N SER A 37 -6.11 -43.63 25.57
CA SER A 37 -7.32 -43.76 24.76
C SER A 37 -7.30 -42.80 23.57
N ARG A 38 -6.70 -41.63 23.77
CA ARG A 38 -6.56 -40.67 22.68
C ARG A 38 -5.67 -41.26 21.59
N HIS A 39 -4.48 -41.73 22.00
CA HIS A 39 -3.55 -42.32 21.06
C HIS A 39 -4.06 -43.65 20.51
N ALA A 40 -5.24 -44.06 20.97
CA ALA A 40 -5.87 -45.29 20.52
C ALA A 40 -6.94 -45.00 19.47
N ILE A 41 -7.70 -43.93 19.69
CA ILE A 41 -8.65 -43.44 18.72
C ILE A 41 -7.88 -42.85 17.55
N MET A 42 -6.91 -42.01 17.89
CA MET A 42 -6.03 -41.36 16.93
C MET A 42 -5.48 -42.34 15.91
N ARG A 43 -4.97 -43.47 16.41
CA ARG A 43 -4.32 -44.46 15.55
C ARG A 43 -5.29 -45.51 15.02
N SER A 44 -6.53 -45.10 14.77
CA SER A 44 -7.54 -46.00 14.23
C SER A 44 -8.35 -45.31 13.14
N PRO A 45 -7.93 -45.48 11.87
CA PRO A 45 -8.53 -44.84 10.70
C PRO A 45 -10.04 -45.08 10.59
N GLN A 46 -10.49 -46.29 10.89
CA GLN A 46 -11.91 -46.61 10.81
C GLN A 46 -12.69 -45.91 11.91
N MET A 47 -12.04 -45.72 13.05
CA MET A 47 -12.65 -45.03 14.18
C MET A 47 -12.84 -43.55 13.89
N VAL A 48 -11.75 -42.89 13.51
CA VAL A 48 -11.77 -41.46 13.20
C VAL A 48 -12.74 -41.15 12.06
N SER A 49 -12.76 -42.02 11.06
CA SER A 49 -13.66 -41.84 9.93
C SER A 49 -15.11 -41.95 10.38
N ALA A 50 -15.38 -42.91 11.26
CA ALA A 50 -16.72 -43.11 11.78
C ALA A 50 -17.22 -41.86 12.49
N ILE A 51 -16.32 -41.21 13.24
CA ILE A 51 -16.65 -40.00 13.97
C ILE A 51 -17.01 -38.85 13.03
N VAL A 52 -16.21 -38.66 11.99
CA VAL A 52 -16.43 -37.58 11.04
C VAL A 52 -17.79 -37.71 10.36
N ARG A 53 -18.11 -38.93 9.94
CA ARG A 53 -19.38 -39.20 9.26
C ARG A 53 -20.56 -38.95 10.20
N THR A 54 -20.40 -39.34 11.46
CA THR A 54 -21.45 -39.15 12.46
C THR A 54 -21.71 -37.67 12.69
N MET A 55 -20.65 -36.93 13.01
CA MET A 55 -20.74 -35.50 13.30
C MET A 55 -21.65 -34.76 12.32
N GLN A 56 -21.31 -34.83 11.03
CA GLN A 56 -22.03 -34.09 10.00
C GLN A 56 -23.41 -34.64 9.70
N ASN A 57 -23.69 -35.84 10.19
CA ASN A 57 -24.98 -36.49 9.91
C ASN A 57 -25.97 -36.46 11.08
N THR A 58 -25.53 -36.88 12.26
CA THR A 58 -26.40 -36.89 13.42
C THR A 58 -26.90 -35.48 13.75
N ASN A 59 -28.13 -35.19 13.37
CA ASN A 59 -28.70 -33.87 13.57
C ASN A 59 -28.95 -33.53 15.04
N ASP A 60 -28.86 -34.52 15.91
CA ASP A 60 -28.98 -34.29 17.34
C ASP A 60 -27.78 -33.49 17.85
N VAL A 61 -27.99 -32.21 18.07
CA VAL A 61 -26.91 -31.29 18.45
C VAL A 61 -26.10 -31.76 19.65
N GLU A 62 -26.75 -32.43 20.60
CA GLU A 62 -26.08 -32.93 21.79
C GLU A 62 -24.98 -33.93 21.40
N THR A 63 -25.18 -34.61 20.29
CA THR A 63 -24.21 -35.58 19.78
C THR A 63 -23.20 -34.90 18.87
N ALA A 64 -23.67 -33.92 18.11
CA ALA A 64 -22.83 -33.20 17.17
C ALA A 64 -21.71 -32.46 17.90
N ARG A 65 -21.98 -32.03 19.13
CA ARG A 65 -20.99 -31.29 19.89
C ARG A 65 -19.99 -32.23 20.58
N CYS A 66 -20.45 -33.42 20.92
CA CYS A 66 -19.58 -34.44 21.52
C CYS A 66 -18.56 -34.92 20.50
N THR A 67 -19.01 -35.15 19.27
CA THR A 67 -18.13 -35.62 18.20
C THR A 67 -17.18 -34.51 17.77
N ALA A 68 -17.72 -33.32 17.56
CA ALA A 68 -16.92 -32.17 17.16
C ALA A 68 -15.84 -31.89 18.19
N GLY A 69 -16.22 -31.94 19.46
CA GLY A 69 -15.28 -31.74 20.55
C GLY A 69 -14.20 -32.80 20.56
N THR A 70 -14.58 -34.03 20.20
CA THR A 70 -13.65 -35.14 20.12
C THR A 70 -12.54 -34.82 19.15
N LEU A 71 -12.93 -34.52 17.90
CA LEU A 71 -11.98 -34.12 16.88
C LEU A 71 -11.17 -32.92 17.34
N HIS A 72 -11.82 -32.03 18.07
CA HIS A 72 -11.16 -30.83 18.59
C HIS A 72 -9.97 -31.21 19.48
N ASN A 73 -10.10 -32.30 20.21
CA ASN A 73 -9.03 -32.75 21.10
C ASN A 73 -7.93 -33.50 20.36
N LEU A 74 -8.26 -34.00 19.17
CA LEU A 74 -7.29 -34.73 18.35
C LEU A 74 -6.39 -33.75 17.60
N SER A 75 -6.76 -32.47 17.62
CA SER A 75 -6.04 -31.47 16.85
C SER A 75 -4.94 -30.78 17.66
N HIS A 76 -4.42 -31.49 18.66
CA HIS A 76 -3.30 -30.98 19.45
C HIS A 76 -2.03 -31.77 19.16
N HIS A 77 -2.18 -32.87 18.43
CA HIS A 77 -1.06 -33.75 18.12
C HIS A 77 -0.91 -33.95 16.61
N ARG A 78 0.32 -34.10 16.15
CA ARG A 78 0.59 -34.31 14.73
C ARG A 78 -0.13 -35.55 14.20
N GLU A 79 -0.15 -36.61 14.99
CA GLU A 79 -0.82 -37.84 14.59
C GLU A 79 -2.34 -37.64 14.63
N GLY A 80 -2.79 -36.71 15.47
CA GLY A 80 -4.20 -36.39 15.55
C GLY A 80 -4.64 -35.59 14.35
N LEU A 81 -3.91 -34.52 14.06
CA LEU A 81 -4.17 -33.70 12.88
C LEU A 81 -4.18 -34.56 11.63
N LEU A 82 -3.24 -35.50 11.55
CA LEU A 82 -3.12 -36.36 10.39
C LEU A 82 -4.34 -37.27 10.24
N ALA A 83 -4.78 -37.85 11.36
CA ALA A 83 -5.96 -38.70 11.35
C ALA A 83 -7.16 -37.90 10.88
N ILE A 84 -7.37 -36.73 11.47
CA ILE A 84 -8.46 -35.85 11.07
C ILE A 84 -8.38 -35.56 9.58
N PHE A 85 -7.17 -35.25 9.12
CA PHE A 85 -6.94 -34.90 7.72
C PHE A 85 -7.34 -36.02 6.76
N LYS A 86 -6.71 -37.19 6.92
CA LYS A 86 -6.94 -38.28 5.99
C LYS A 86 -8.30 -38.95 6.16
N SER A 87 -9.12 -38.44 7.06
CA SER A 87 -10.45 -39.00 7.28
C SER A 87 -11.54 -38.05 6.79
N GLY A 88 -11.17 -37.14 5.89
CA GLY A 88 -12.11 -36.19 5.35
C GLY A 88 -12.60 -35.23 6.41
N GLY A 89 -11.77 -35.00 7.42
CA GLY A 89 -12.11 -34.13 8.53
C GLY A 89 -12.42 -32.71 8.11
N ILE A 90 -11.60 -32.16 7.21
CA ILE A 90 -11.76 -30.77 6.80
C ILE A 90 -13.13 -30.47 6.18
N PRO A 91 -13.47 -31.14 5.07
CA PRO A 91 -14.74 -30.89 4.39
C PRO A 91 -15.93 -30.91 5.35
N ALA A 92 -15.91 -31.82 6.31
CA ALA A 92 -16.97 -31.89 7.31
C ALA A 92 -16.97 -30.66 8.19
N LEU A 93 -15.81 -30.36 8.79
CA LEU A 93 -15.66 -29.20 9.67
C LEU A 93 -16.12 -27.92 8.96
N VAL A 94 -15.71 -27.77 7.70
CA VAL A 94 -16.13 -26.62 6.92
C VAL A 94 -17.65 -26.55 6.86
N LYS A 95 -18.29 -27.70 6.70
CA LYS A 95 -19.74 -27.78 6.64
C LYS A 95 -20.37 -27.43 7.99
N MET A 96 -19.65 -27.72 9.06
CA MET A 96 -20.12 -27.45 10.41
C MET A 96 -20.11 -25.96 10.74
N LEU A 97 -19.41 -25.18 9.92
CA LEU A 97 -19.34 -23.74 10.11
C LEU A 97 -20.71 -23.11 9.89
N GLY A 98 -21.63 -23.87 9.31
CA GLY A 98 -22.98 -23.42 9.09
C GLY A 98 -23.91 -23.77 10.24
N SER A 99 -23.37 -24.45 11.24
CA SER A 99 -24.14 -24.83 12.42
C SER A 99 -24.59 -23.59 13.19
N PRO A 100 -25.91 -23.48 13.45
CA PRO A 100 -26.46 -22.35 14.20
C PRO A 100 -26.16 -22.45 15.69
N VAL A 101 -25.63 -23.59 16.12
CA VAL A 101 -25.29 -23.78 17.54
C VAL A 101 -23.84 -23.41 17.79
N ASP A 102 -23.64 -22.34 18.55
CA ASP A 102 -22.30 -21.77 18.77
C ASP A 102 -21.28 -22.80 19.24
N SER A 103 -21.66 -23.65 20.19
CA SER A 103 -20.73 -24.64 20.71
C SER A 103 -20.13 -25.47 19.58
N VAL A 104 -20.98 -25.88 18.64
CA VAL A 104 -20.53 -26.66 17.50
C VAL A 104 -19.65 -25.83 16.58
N LEU A 105 -20.07 -24.59 16.34
CA LEU A 105 -19.35 -23.68 15.47
C LEU A 105 -17.94 -23.43 15.98
N PHE A 106 -17.81 -23.21 17.27
CA PHE A 106 -16.52 -22.93 17.89
C PHE A 106 -15.55 -24.10 17.77
N TYR A 107 -16.05 -25.31 17.98
CA TYR A 107 -15.24 -26.51 17.84
C TYR A 107 -14.65 -26.62 16.45
N ALA A 108 -15.47 -26.32 15.44
CA ALA A 108 -15.06 -26.42 14.05
C ALA A 108 -13.99 -25.38 13.71
N ILE A 109 -14.34 -24.11 13.86
CA ILE A 109 -13.43 -23.03 13.53
C ILE A 109 -12.09 -23.17 14.24
N THR A 110 -12.14 -23.56 15.52
CA THR A 110 -10.93 -23.75 16.30
C THR A 110 -10.07 -24.86 15.73
N THR A 111 -10.65 -26.04 15.59
CA THR A 111 -9.93 -27.20 15.04
C THR A 111 -9.36 -26.88 13.66
N LEU A 112 -10.19 -26.31 12.79
CA LEU A 112 -9.74 -25.88 11.47
C LEU A 112 -8.49 -25.02 11.59
N HIS A 113 -8.53 -24.05 12.51
CA HIS A 113 -7.41 -23.15 12.73
C HIS A 113 -6.14 -23.94 13.07
N ASN A 114 -6.27 -24.94 13.92
CA ASN A 114 -5.13 -25.81 14.24
C ASN A 114 -4.63 -26.54 12.99
N LEU A 115 -5.55 -27.11 12.23
CA LEU A 115 -5.21 -27.83 11.01
C LEU A 115 -4.39 -26.94 10.07
N LEU A 116 -4.91 -25.77 9.77
CA LEU A 116 -4.22 -24.83 8.89
C LEU A 116 -2.82 -24.55 9.42
N LEU A 117 -2.73 -24.28 10.72
CA LEU A 117 -1.46 -23.93 11.36
C LEU A 117 -0.38 -25.01 11.28
N HIS A 118 -0.76 -26.26 11.52
CA HIS A 118 0.25 -27.31 11.72
C HIS A 118 0.16 -28.50 10.77
N GLN A 119 -0.97 -28.65 10.08
CA GLN A 119 -1.13 -29.78 9.15
C GLN A 119 -0.94 -29.32 7.71
N GLU A 120 0.10 -29.84 7.06
CA GLU A 120 0.40 -29.45 5.69
C GLU A 120 -0.62 -30.04 4.72
N GLY A 121 -1.05 -29.22 3.76
CA GLY A 121 -2.05 -29.63 2.79
C GLY A 121 -3.46 -29.29 3.26
N ALA A 122 -3.56 -28.69 4.44
CA ALA A 122 -4.84 -28.31 5.01
C ALA A 122 -5.40 -27.07 4.33
N LYS A 123 -4.51 -26.28 3.75
CA LYS A 123 -4.93 -25.04 3.10
C LYS A 123 -5.77 -25.31 1.86
N MET A 124 -5.33 -26.26 1.02
CA MET A 124 -6.10 -26.64 -0.15
C MET A 124 -7.46 -27.21 0.26
N ALA A 125 -7.45 -28.04 1.29
CA ALA A 125 -8.67 -28.68 1.77
C ALA A 125 -9.74 -27.66 2.11
N VAL A 126 -9.35 -26.63 2.85
CA VAL A 126 -10.29 -25.57 3.21
C VAL A 126 -10.72 -24.77 1.98
N ARG A 127 -9.76 -24.48 1.10
CA ARG A 127 -10.05 -23.77 -0.14
C ARG A 127 -11.04 -24.55 -1.00
N LEU A 128 -10.76 -25.83 -1.22
CA LEU A 128 -11.59 -26.67 -2.07
C LEU A 128 -12.98 -26.86 -1.49
N ALA A 129 -13.08 -26.87 -0.16
CA ALA A 129 -14.34 -27.12 0.52
C ALA A 129 -15.19 -25.86 0.68
N GLY A 130 -14.85 -24.82 -0.09
CA GLY A 130 -15.58 -23.57 -0.02
C GLY A 130 -15.47 -22.92 1.36
N GLY A 131 -14.32 -23.09 1.98
CA GLY A 131 -14.09 -22.54 3.31
C GLY A 131 -13.91 -21.04 3.32
N LEU A 132 -13.32 -20.50 2.26
CA LEU A 132 -13.05 -19.07 2.18
C LEU A 132 -14.33 -18.25 2.27
N GLN A 133 -15.30 -18.59 1.42
CA GLN A 133 -16.58 -17.88 1.39
C GLN A 133 -17.33 -18.04 2.72
N LYS A 134 -17.31 -19.26 3.26
CA LYS A 134 -18.03 -19.54 4.49
C LYS A 134 -17.45 -18.74 5.66
N MET A 135 -16.12 -18.57 5.67
CA MET A 135 -15.45 -17.80 6.70
C MET A 135 -15.76 -16.31 6.57
N VAL A 136 -15.63 -15.79 5.36
CA VAL A 136 -15.94 -14.39 5.09
C VAL A 136 -17.36 -14.04 5.50
N ALA A 137 -18.28 -15.00 5.33
CA ALA A 137 -19.66 -14.82 5.73
C ALA A 137 -19.80 -14.80 7.25
N LEU A 138 -18.82 -15.37 7.94
CA LEU A 138 -18.84 -15.43 9.39
C LEU A 138 -18.23 -14.19 10.04
N LEU A 139 -17.90 -13.20 9.21
CA LEU A 139 -17.34 -11.94 9.71
C LEU A 139 -18.47 -11.01 10.14
N ASN A 140 -19.67 -11.56 10.28
CA ASN A 140 -20.83 -10.79 10.71
C ASN A 140 -20.99 -10.86 12.23
N LYS A 141 -20.44 -11.91 12.83
CA LYS A 141 -20.55 -12.12 14.27
C LYS A 141 -19.89 -10.98 15.05
N THR A 142 -20.34 -10.79 16.28
CA THR A 142 -19.84 -9.69 17.11
C THR A 142 -18.87 -10.17 18.18
N ASN A 143 -18.52 -11.45 18.14
CA ASN A 143 -17.57 -12.01 19.08
C ASN A 143 -16.13 -11.67 18.67
N VAL A 144 -15.48 -10.83 19.47
CA VAL A 144 -14.14 -10.36 19.13
C VAL A 144 -13.12 -11.50 19.00
N LYS A 145 -13.22 -12.47 19.89
CA LYS A 145 -12.29 -13.61 19.86
C LYS A 145 -12.58 -14.55 18.69
N PHE A 146 -13.85 -14.79 18.42
CA PHE A 146 -14.23 -15.61 17.27
C PHE A 146 -13.75 -14.98 15.97
N LEU A 147 -13.91 -13.67 15.87
CA LEU A 147 -13.46 -12.94 14.69
C LEU A 147 -11.95 -13.04 14.55
N ALA A 148 -11.25 -13.01 15.68
CA ALA A 148 -9.80 -13.10 15.67
C ALA A 148 -9.34 -14.42 15.07
N ILE A 149 -10.04 -15.49 15.40
CA ILE A 149 -9.73 -16.82 14.88
C ILE A 149 -10.05 -16.91 13.39
N THR A 150 -11.21 -16.38 13.01
CA THR A 150 -11.66 -16.42 11.63
C THR A 150 -10.79 -15.56 10.71
N THR A 151 -10.38 -14.39 11.21
CA THR A 151 -9.57 -13.48 10.40
C THR A 151 -8.15 -14.02 10.21
N ASP A 152 -7.66 -14.75 11.20
CA ASP A 152 -6.32 -15.34 11.08
C ASP A 152 -6.32 -16.48 10.06
N CYS A 153 -7.38 -17.28 10.08
CA CYS A 153 -7.55 -18.34 9.08
C CYS A 153 -7.46 -17.76 7.67
N LEU A 154 -8.26 -16.73 7.40
CA LEU A 154 -8.29 -16.10 6.09
C LEU A 154 -6.89 -15.66 5.67
N GLN A 155 -6.15 -15.07 6.60
CA GLN A 155 -4.80 -14.60 6.32
C GLN A 155 -3.90 -15.78 5.92
N ILE A 156 -3.93 -16.83 6.73
CA ILE A 156 -3.16 -18.04 6.42
C ILE A 156 -3.47 -18.56 5.03
N LEU A 157 -4.76 -18.60 4.69
CA LEU A 157 -5.19 -19.08 3.38
C LEU A 157 -4.80 -18.13 2.26
N ALA A 158 -4.98 -16.83 2.49
CA ALA A 158 -4.76 -15.83 1.45
C ALA A 158 -3.30 -15.56 1.16
N TYR A 159 -2.44 -15.88 2.11
CA TYR A 159 -1.01 -15.63 1.98
C TYR A 159 -0.39 -16.49 0.87
N GLY A 160 0.07 -15.83 -0.20
CA GLY A 160 0.76 -16.51 -1.27
C GLY A 160 -0.14 -17.07 -2.35
N ASN A 161 -1.44 -17.04 -2.12
CA ASN A 161 -2.39 -17.60 -3.08
C ASN A 161 -3.32 -16.54 -3.66
N GLN A 162 -3.09 -16.20 -4.93
CA GLN A 162 -3.86 -15.15 -5.58
C GLN A 162 -5.35 -15.47 -5.67
N GLU A 163 -5.68 -16.70 -6.07
CA GLU A 163 -7.07 -17.11 -6.21
C GLU A 163 -7.87 -16.89 -4.93
N SER A 164 -7.25 -17.23 -3.81
CA SER A 164 -7.88 -17.05 -2.50
C SER A 164 -8.21 -15.58 -2.28
N LYS A 165 -7.31 -14.70 -2.69
CA LYS A 165 -7.53 -13.27 -2.58
C LYS A 165 -8.71 -12.85 -3.44
N LEU A 166 -8.72 -13.28 -4.70
CA LEU A 166 -9.81 -12.96 -5.61
C LEU A 166 -11.15 -13.45 -5.04
N ILE A 167 -11.11 -14.61 -4.40
CA ILE A 167 -12.31 -15.19 -3.79
C ILE A 167 -12.81 -14.33 -2.64
N ILE A 168 -11.93 -14.08 -1.67
CA ILE A 168 -12.25 -13.19 -0.55
C ILE A 168 -12.80 -11.88 -1.08
N LEU A 169 -12.14 -11.36 -2.11
CA LEU A 169 -12.59 -10.14 -2.78
C LEU A 169 -14.06 -10.26 -3.19
N ALA A 170 -14.37 -11.30 -3.96
CA ALA A 170 -15.72 -11.50 -4.47
C ALA A 170 -16.71 -11.84 -3.37
N SER A 171 -16.20 -12.24 -2.21
CA SER A 171 -17.04 -12.62 -1.09
C SER A 171 -17.47 -11.41 -0.27
N GLY A 172 -16.96 -10.24 -0.63
CA GLY A 172 -17.24 -9.02 0.11
C GLY A 172 -16.34 -8.88 1.31
N GLY A 173 -15.25 -9.64 1.32
CA GLY A 173 -14.27 -9.59 2.40
C GLY A 173 -13.83 -8.19 2.77
N PRO A 174 -13.41 -7.40 1.77
CA PRO A 174 -12.98 -6.02 2.01
C PRO A 174 -13.96 -5.23 2.88
N GLN A 175 -15.24 -5.29 2.56
CA GLN A 175 -16.25 -4.58 3.32
C GLN A 175 -16.36 -5.06 4.76
N ALA A 176 -16.19 -6.37 4.95
CA ALA A 176 -16.29 -6.97 6.28
C ALA A 176 -15.07 -6.64 7.13
N LEU A 177 -13.90 -6.90 6.57
CA LEU A 177 -12.64 -6.67 7.27
C LEU A 177 -12.51 -5.20 7.71
N VAL A 178 -12.89 -4.29 6.83
CA VAL A 178 -12.87 -2.87 7.13
C VAL A 178 -13.72 -2.53 8.35
N ASN A 179 -14.91 -3.09 8.41
CA ASN A 179 -15.81 -2.82 9.54
C ASN A 179 -15.22 -3.24 10.88
N ILE A 180 -14.49 -4.35 10.89
CA ILE A 180 -13.82 -4.80 12.11
C ILE A 180 -12.81 -3.76 12.58
N MET A 181 -12.04 -3.22 11.65
CA MET A 181 -11.01 -2.24 11.95
C MET A 181 -11.63 -0.95 12.49
N ARG A 182 -12.88 -0.68 12.12
CA ARG A 182 -13.52 0.57 12.51
C ARG A 182 -14.71 0.33 13.44
N THR A 183 -14.66 -0.78 14.17
CA THR A 183 -15.73 -1.11 15.12
C THR A 183 -15.15 -1.69 16.42
N TYR A 184 -14.16 -2.56 16.29
CA TYR A 184 -13.62 -3.27 17.44
C TYR A 184 -12.30 -2.70 17.95
N THR A 185 -12.05 -2.89 19.24
CA THR A 185 -10.85 -2.37 19.88
C THR A 185 -9.88 -3.47 20.28
N TYR A 186 -10.38 -4.70 20.35
CA TYR A 186 -9.56 -5.86 20.68
C TYR A 186 -8.31 -5.88 19.80
N GLU A 187 -7.14 -5.73 20.42
CA GLU A 187 -5.88 -5.66 19.70
C GLU A 187 -5.63 -6.90 18.84
N LYS A 188 -5.58 -8.07 19.47
CA LYS A 188 -5.37 -9.32 18.74
C LYS A 188 -6.18 -9.34 17.45
N LEU A 189 -7.47 -9.03 17.58
CA LEU A 189 -8.38 -9.02 16.44
C LEU A 189 -7.93 -8.00 15.39
N LEU A 190 -7.83 -6.74 15.79
CA LEU A 190 -7.40 -5.68 14.88
C LEU A 190 -6.09 -6.03 14.18
N TRP A 191 -5.13 -6.51 14.95
CA TRP A 191 -3.82 -6.87 14.41
C TRP A 191 -3.91 -7.94 13.32
N THR A 192 -4.56 -9.06 13.64
CA THR A 192 -4.68 -10.13 12.67
C THR A 192 -5.58 -9.73 11.51
N THR A 193 -6.46 -8.76 11.74
CA THR A 193 -7.34 -8.24 10.70
C THR A 193 -6.55 -7.37 9.72
N SER A 194 -5.57 -6.64 10.23
CA SER A 194 -4.72 -5.82 9.39
C SER A 194 -3.84 -6.72 8.52
N ARG A 195 -3.26 -7.75 9.14
CA ARG A 195 -2.41 -8.69 8.42
C ARG A 195 -3.14 -9.24 7.19
N VAL A 196 -4.43 -9.51 7.35
CA VAL A 196 -5.25 -9.95 6.23
C VAL A 196 -5.26 -8.90 5.14
N LEU A 197 -5.61 -7.67 5.53
CA LEU A 197 -5.69 -6.55 4.59
C LEU A 197 -4.34 -6.26 3.92
N LYS A 198 -3.26 -6.40 4.68
CA LYS A 198 -1.92 -6.24 4.12
C LYS A 198 -1.72 -7.23 2.97
N VAL A 199 -2.07 -8.49 3.20
CA VAL A 199 -1.95 -9.52 2.17
C VAL A 199 -2.80 -9.17 0.94
N LEU A 200 -3.99 -8.62 1.18
CA LEU A 200 -4.91 -8.27 0.11
C LEU A 200 -4.49 -7.02 -0.68
N SER A 201 -3.75 -6.13 -0.02
CA SER A 201 -3.39 -4.85 -0.63
C SER A 201 -2.41 -4.98 -1.78
N VAL A 202 -1.57 -6.00 -1.74
CA VAL A 202 -0.59 -6.22 -2.80
C VAL A 202 -1.28 -6.57 -4.12
N CYS A 203 -2.48 -7.15 -4.02
CA CYS A 203 -3.26 -7.52 -5.20
C CYS A 203 -3.88 -6.30 -5.85
N SER A 204 -3.53 -6.06 -7.11
CA SER A 204 -4.00 -4.88 -7.84
C SER A 204 -5.52 -4.77 -7.86
N SER A 205 -6.19 -5.87 -8.21
CA SER A 205 -7.65 -5.87 -8.30
C SER A 205 -8.33 -5.79 -6.94
N ASN A 206 -7.62 -6.25 -5.91
CA ASN A 206 -8.13 -6.18 -4.54
C ASN A 206 -7.99 -4.78 -3.96
N LYS A 207 -7.00 -4.05 -4.46
CA LYS A 207 -6.70 -2.71 -3.94
C LYS A 207 -7.92 -1.79 -3.92
N PRO A 208 -8.54 -1.54 -5.09
CA PRO A 208 -9.66 -0.60 -5.15
C PRO A 208 -10.82 -0.99 -4.22
N ALA A 209 -11.23 -2.25 -4.27
CA ALA A 209 -12.33 -2.72 -3.44
C ALA A 209 -12.16 -2.31 -1.98
N ILE A 210 -10.92 -2.34 -1.50
CA ILE A 210 -10.63 -1.96 -0.13
C ILE A 210 -10.82 -0.46 0.07
N VAL A 211 -10.30 0.32 -0.87
CA VAL A 211 -10.42 1.78 -0.80
C VAL A 211 -11.88 2.24 -0.79
N GLU A 212 -12.72 1.55 -1.55
CA GLU A 212 -14.13 1.92 -1.65
C GLU A 212 -14.84 1.76 -0.31
N ALA A 213 -14.51 0.68 0.40
CA ALA A 213 -15.12 0.41 1.71
C ALA A 213 -14.67 1.43 2.75
N GLY A 214 -13.66 2.23 2.40
CA GLY A 214 -13.13 3.22 3.32
C GLY A 214 -11.95 2.68 4.10
N GLY A 215 -11.12 1.88 3.43
CA GLY A 215 -9.98 1.26 4.07
C GLY A 215 -8.95 2.24 4.57
N MET A 216 -8.62 3.23 3.73
CA MET A 216 -7.65 4.25 4.11
C MET A 216 -7.96 4.84 5.48
N GLN A 217 -9.17 5.38 5.61
CA GLN A 217 -9.61 6.01 6.85
C GLN A 217 -9.54 5.06 8.05
N ALA A 218 -10.11 3.86 7.88
CA ALA A 218 -10.16 2.89 8.97
C ALA A 218 -8.78 2.52 9.49
N LEU A 219 -7.82 2.37 8.58
CA LEU A 219 -6.45 2.00 8.95
C LEU A 219 -5.73 3.12 9.71
N GLY A 220 -6.19 4.35 9.52
CA GLY A 220 -5.54 5.50 10.12
C GLY A 220 -5.90 5.75 11.56
N LEU A 221 -6.92 5.06 12.04
CA LEU A 221 -7.37 5.21 13.43
C LEU A 221 -6.42 4.52 14.39
N HIS A 222 -5.55 3.67 13.87
CA HIS A 222 -4.69 2.84 14.71
C HIS A 222 -3.21 3.16 14.54
N LEU A 223 -2.91 4.22 13.80
CA LEU A 223 -1.53 4.64 13.63
C LEU A 223 -0.97 5.19 14.94
N THR A 224 -1.86 5.47 15.89
CA THR A 224 -1.46 6.01 17.17
C THR A 224 -1.45 4.93 18.25
N ASP A 225 -2.27 3.90 18.07
CA ASP A 225 -2.37 2.80 19.03
C ASP A 225 -0.99 2.34 19.51
N PRO A 226 -0.92 1.90 20.78
CA PRO A 226 0.32 1.43 21.41
C PRO A 226 0.96 0.28 20.65
N SER A 227 0.17 -0.70 20.23
CA SER A 227 0.67 -1.89 19.55
C SER A 227 1.60 -1.54 18.38
N GLN A 228 2.85 -2.00 18.47
CA GLN A 228 3.82 -1.75 17.42
C GLN A 228 3.48 -2.55 16.16
N ARG A 229 3.17 -3.83 16.34
CA ARG A 229 2.86 -4.70 15.22
C ARG A 229 1.61 -4.23 14.47
N LEU A 230 0.67 -3.65 15.19
CA LEU A 230 -0.56 -3.14 14.58
C LEU A 230 -0.29 -1.93 13.70
N VAL A 231 0.43 -0.96 14.25
CA VAL A 231 0.76 0.25 13.51
C VAL A 231 1.62 -0.07 12.29
N GLN A 232 2.64 -0.90 12.48
CA GLN A 232 3.59 -1.23 11.41
C GLN A 232 2.92 -1.97 10.26
N ASN A 233 1.72 -2.48 10.51
CA ASN A 233 0.97 -3.18 9.48
C ASN A 233 0.07 -2.23 8.69
N CYS A 234 -0.53 -1.27 9.38
CA CYS A 234 -1.37 -0.28 8.73
C CYS A 234 -0.53 0.62 7.81
N LEU A 235 0.73 0.81 8.17
CA LEU A 235 1.63 1.62 7.37
C LEU A 235 1.98 0.93 6.05
N TRP A 236 2.32 -0.36 6.14
CA TRP A 236 2.66 -1.13 4.95
C TRP A 236 1.44 -1.28 4.04
N THR A 237 0.27 -1.39 4.65
CA THR A 237 -0.97 -1.56 3.90
C THR A 237 -1.37 -0.27 3.19
N LEU A 238 -1.29 0.85 3.91
CA LEU A 238 -1.63 2.16 3.34
C LEU A 238 -0.66 2.55 2.23
N ARG A 239 0.62 2.21 2.39
CA ARG A 239 1.62 2.55 1.37
C ARG A 239 1.31 1.81 0.07
N ASN A 240 0.49 0.78 0.16
CA ASN A 240 0.06 0.04 -1.02
C ASN A 240 -1.21 0.63 -1.63
N LEU A 241 -2.21 0.87 -0.79
CA LEU A 241 -3.48 1.43 -1.25
C LEU A 241 -3.34 2.87 -1.70
N SER A 242 -2.37 3.58 -1.13
CA SER A 242 -2.21 5.02 -1.34
C SER A 242 -2.31 5.49 -2.78
N ASP A 243 -1.46 4.96 -3.64
CA ASP A 243 -1.39 5.41 -5.04
C ASP A 243 -2.74 5.41 -5.74
N ALA A 244 -3.65 4.56 -5.29
CA ALA A 244 -4.97 4.45 -5.89
C ALA A 244 -5.96 5.47 -5.31
N ALA A 245 -6.05 5.48 -3.98
CA ALA A 245 -7.04 6.30 -3.29
C ALA A 245 -6.76 7.80 -3.39
N THR A 246 -6.88 8.34 -4.59
CA THR A 246 -6.74 9.78 -4.80
C THR A 246 -8.10 10.40 -5.10
N LYS A 247 -9.13 9.90 -4.42
CA LYS A 247 -10.50 10.32 -4.66
C LYS A 247 -11.32 10.30 -3.37
N GLN A 248 -10.68 9.91 -2.27
CA GLN A 248 -11.37 9.67 -1.01
C GLN A 248 -11.75 10.94 -0.24
N GLU A 249 -12.70 10.79 0.68
CA GLU A 249 -13.17 11.89 1.51
C GLU A 249 -12.83 11.63 2.98
N GLY A 250 -12.98 12.66 3.81
CA GLY A 250 -12.70 12.54 5.23
C GLY A 250 -11.36 11.90 5.51
N MET A 251 -10.30 12.50 4.98
CA MET A 251 -8.95 11.95 5.08
C MET A 251 -8.09 12.82 5.98
N GLU A 252 -8.67 13.89 6.50
CA GLU A 252 -7.95 14.87 7.30
C GLU A 252 -7.17 14.21 8.42
N GLY A 253 -7.90 13.63 9.36
CA GLY A 253 -7.29 12.93 10.48
C GLY A 253 -6.12 12.08 10.04
N LEU A 254 -6.32 11.30 8.98
CA LEU A 254 -5.26 10.46 8.45
C LEU A 254 -4.06 11.27 7.98
N LEU A 255 -4.31 12.21 7.08
CA LEU A 255 -3.27 13.09 6.56
C LEU A 255 -2.53 13.75 7.71
N GLY A 256 -3.28 14.23 8.69
CA GLY A 256 -2.70 14.89 9.85
C GLY A 256 -1.78 13.97 10.63
N THR A 257 -2.24 12.74 10.84
CA THR A 257 -1.46 11.76 11.60
C THR A 257 -0.18 11.38 10.85
N LEU A 258 -0.28 11.25 9.53
CA LEU A 258 0.88 10.93 8.70
C LEU A 258 1.94 12.03 8.81
N VAL A 259 1.49 13.27 8.95
CA VAL A 259 2.40 14.41 9.08
C VAL A 259 3.26 14.30 10.34
N GLN A 260 2.63 13.98 11.46
CA GLN A 260 3.34 13.90 12.73
C GLN A 260 4.09 12.57 12.88
N LEU A 261 3.79 11.63 11.98
CA LEU A 261 4.52 10.37 11.97
C LEU A 261 5.91 10.55 11.37
N LEU A 262 6.09 11.66 10.66
CA LEU A 262 7.38 11.99 10.05
C LEU A 262 8.40 12.35 11.14
N GLY A 263 7.94 12.44 12.38
CA GLY A 263 8.80 12.82 13.49
C GLY A 263 9.23 11.64 14.35
N SER A 264 8.53 10.52 14.22
CA SER A 264 8.87 9.32 14.98
C SER A 264 10.37 9.03 14.87
N ASP A 265 10.95 8.54 15.96
CA ASP A 265 12.36 8.20 15.98
C ASP A 265 12.64 7.02 15.07
N ASP A 266 11.67 6.12 14.96
CA ASP A 266 11.81 4.94 14.12
C ASP A 266 11.83 5.32 12.64
N ILE A 267 13.03 5.33 12.07
CA ILE A 267 13.23 5.74 10.69
C ILE A 267 12.34 4.97 9.72
N ASN A 268 11.98 3.74 10.09
CA ASN A 268 11.16 2.89 9.24
C ASN A 268 9.70 3.36 9.16
N VAL A 269 9.23 3.99 10.22
CA VAL A 269 7.89 4.57 10.24
C VAL A 269 7.88 5.85 9.41
N VAL A 270 8.95 6.63 9.52
CA VAL A 270 9.10 7.86 8.76
C VAL A 270 9.11 7.57 7.27
N THR A 271 9.71 6.45 6.90
CA THR A 271 9.81 6.06 5.50
C THR A 271 8.44 5.80 4.90
N CYS A 272 7.63 5.01 5.60
CA CYS A 272 6.27 4.70 5.14
C CYS A 272 5.40 5.95 5.15
N ALA A 273 5.49 6.72 6.24
CA ALA A 273 4.69 7.93 6.39
C ALA A 273 4.87 8.85 5.18
N ALA A 274 6.12 8.99 4.74
CA ALA A 274 6.45 9.87 3.62
C ALA A 274 5.98 9.25 2.31
N GLY A 275 6.28 7.97 2.13
CA GLY A 275 5.88 7.25 0.94
C GLY A 275 4.39 7.34 0.71
N ILE A 276 3.64 7.27 1.80
CA ILE A 276 2.18 7.34 1.75
C ILE A 276 1.70 8.73 1.34
N LEU A 277 2.20 9.74 2.02
CA LEU A 277 1.82 11.12 1.73
C LEU A 277 2.15 11.48 0.28
N SER A 278 3.29 10.98 -0.19
CA SER A 278 3.71 11.24 -1.56
C SER A 278 2.65 10.80 -2.57
N ASN A 279 1.97 9.70 -2.27
CA ASN A 279 0.98 9.14 -3.16
C ASN A 279 -0.40 9.79 -3.01
N LEU A 280 -0.70 10.26 -1.80
CA LEU A 280 -2.00 10.86 -1.53
C LEU A 280 -2.06 12.32 -1.96
N THR A 281 -0.90 12.95 -2.12
CA THR A 281 -0.84 14.33 -2.57
C THR A 281 -0.59 14.42 -4.07
N CYS A 282 -0.67 13.28 -4.75
CA CYS A 282 -0.43 13.24 -6.19
C CYS A 282 -1.70 13.51 -6.97
N ASN A 283 -1.75 14.68 -7.61
CA ASN A 283 -2.93 15.10 -8.37
C ASN A 283 -4.21 15.14 -7.54
N ASN A 284 -4.07 15.57 -6.29
CA ASN A 284 -5.21 15.75 -5.40
C ASN A 284 -5.07 17.04 -4.61
N TYR A 285 -5.67 18.12 -5.11
CA TYR A 285 -5.52 19.44 -4.52
C TYR A 285 -6.01 19.50 -3.08
N LYS A 286 -7.13 18.84 -2.80
CA LYS A 286 -7.68 18.82 -1.44
C LYS A 286 -6.70 18.23 -0.44
N ASN A 287 -5.99 17.18 -0.87
CA ASN A 287 -4.98 16.55 -0.01
C ASN A 287 -3.74 17.42 0.12
N LYS A 288 -3.45 18.22 -0.90
CA LYS A 288 -2.32 19.13 -0.85
C LYS A 288 -2.56 20.24 0.17
N MET A 289 -3.75 20.83 0.12
CA MET A 289 -4.12 21.88 1.06
C MET A 289 -4.09 21.38 2.49
N MET A 290 -4.80 20.29 2.75
CA MET A 290 -4.83 19.68 4.08
C MET A 290 -3.43 19.51 4.67
N VAL A 291 -2.52 18.98 3.86
CA VAL A 291 -1.15 18.75 4.31
C VAL A 291 -0.47 20.05 4.74
N CYS A 292 -0.48 21.04 3.84
CA CYS A 292 0.11 22.34 4.14
C CYS A 292 -0.52 22.97 5.38
N GLN A 293 -1.83 22.83 5.50
CA GLN A 293 -2.58 23.46 6.58
C GLN A 293 -2.22 22.91 7.96
N VAL A 294 -1.64 21.71 8.00
CA VAL A 294 -1.21 21.11 9.25
C VAL A 294 0.31 21.14 9.39
N GLY A 295 0.95 22.03 8.64
CA GLY A 295 2.40 22.16 8.68
C GLY A 295 3.10 21.00 8.02
N GLY A 296 2.56 20.53 6.91
CA GLY A 296 3.14 19.40 6.19
C GLY A 296 4.46 19.76 5.55
N ILE A 297 4.52 20.96 4.97
CA ILE A 297 5.73 21.43 4.30
C ILE A 297 6.92 21.35 5.24
N GLU A 298 6.80 22.02 6.39
CA GLU A 298 7.87 22.06 7.38
C GLU A 298 8.32 20.67 7.78
N ALA A 299 7.37 19.75 7.95
CA ALA A 299 7.67 18.38 8.35
C ALA A 299 8.52 17.64 7.32
N LEU A 300 8.06 17.62 6.08
CA LEU A 300 8.79 16.95 5.01
C LEU A 300 10.21 17.49 4.85
N VAL A 301 10.36 18.80 5.01
CA VAL A 301 11.69 19.42 4.98
C VAL A 301 12.59 18.74 6.02
N ARG A 302 12.16 18.77 7.28
CA ARG A 302 12.90 18.14 8.37
C ARG A 302 13.22 16.68 8.03
N THR A 303 12.27 16.00 7.40
CA THR A 303 12.44 14.60 7.02
C THR A 303 13.61 14.44 6.06
N VAL A 304 13.69 15.31 5.07
CA VAL A 304 14.77 15.26 4.08
C VAL A 304 16.13 15.45 4.76
N LEU A 305 16.25 16.51 5.54
CA LEU A 305 17.49 16.77 6.28
C LEU A 305 17.85 15.58 7.14
N ARG A 306 16.88 15.11 7.91
CA ARG A 306 17.09 14.02 8.86
C ARG A 306 17.47 12.72 8.14
N ALA A 307 17.05 12.58 6.89
CA ALA A 307 17.38 11.42 6.09
C ALA A 307 18.85 11.47 5.66
N GLY A 308 19.18 12.44 4.81
CA GLY A 308 20.55 12.63 4.37
C GLY A 308 20.85 11.90 3.07
N ASP A 309 21.95 11.14 3.07
CA ASP A 309 22.39 10.42 1.87
C ASP A 309 21.41 9.34 1.44
N ARG A 310 20.77 8.70 2.41
CA ARG A 310 19.82 7.63 2.13
C ARG A 310 18.67 8.10 1.26
N GLU A 311 18.66 7.66 0.00
CA GLU A 311 17.66 8.09 -0.97
C GLU A 311 16.32 7.38 -0.76
N ASP A 312 16.29 6.44 0.18
CA ASP A 312 15.09 5.67 0.45
C ASP A 312 14.04 6.52 1.17
N ILE A 313 14.51 7.57 1.84
CA ILE A 313 13.63 8.47 2.57
C ILE A 313 13.42 9.75 1.78
N THR A 314 14.51 10.23 1.17
CA THR A 314 14.47 11.49 0.43
C THR A 314 13.57 11.39 -0.81
N GLU A 315 13.62 10.25 -1.49
CA GLU A 315 12.86 10.07 -2.72
C GLU A 315 11.36 10.31 -2.50
N PRO A 316 10.74 9.58 -1.56
CA PRO A 316 9.31 9.80 -1.30
C PRO A 316 9.03 11.17 -0.71
N ALA A 317 9.95 11.68 0.10
CA ALA A 317 9.77 12.99 0.73
C ALA A 317 9.80 14.11 -0.31
N ILE A 318 10.74 14.03 -1.23
CA ILE A 318 10.88 15.05 -2.27
C ILE A 318 9.65 15.08 -3.16
N CYS A 319 9.20 13.89 -3.58
CA CYS A 319 8.01 13.79 -4.42
C CYS A 319 6.82 14.48 -3.77
N ALA A 320 6.66 14.27 -2.47
CA ALA A 320 5.56 14.88 -1.73
C ALA A 320 5.63 16.40 -1.80
N LEU A 321 6.84 16.96 -1.65
CA LEU A 321 7.04 18.39 -1.77
C LEU A 321 6.74 18.85 -3.19
N ARG A 322 7.35 18.17 -4.16
CA ARG A 322 7.10 18.41 -5.57
C ARG A 322 5.61 18.56 -5.84
N HIS A 323 4.80 17.76 -5.13
CA HIS A 323 3.36 17.81 -5.27
C HIS A 323 2.77 19.04 -4.58
N LEU A 324 3.10 19.21 -3.30
CA LEU A 324 2.53 20.26 -2.47
C LEU A 324 2.82 21.67 -2.96
N THR A 325 3.73 21.81 -3.92
CA THR A 325 4.23 23.11 -4.32
C THR A 325 3.58 23.68 -5.59
N SER A 326 2.43 23.15 -5.98
CA SER A 326 1.74 23.62 -7.18
C SER A 326 0.27 23.22 -7.26
N ARG A 327 -0.51 24.07 -7.93
CA ARG A 327 -1.91 23.76 -8.29
C ARG A 327 -2.90 23.69 -7.12
N HIS A 328 -2.79 24.64 -6.19
CA HIS A 328 -3.79 24.78 -5.13
C HIS A 328 -3.64 26.11 -4.38
N GLN A 329 -4.54 26.34 -3.42
CA GLN A 329 -4.53 27.59 -2.67
C GLN A 329 -3.17 27.89 -2.06
N GLU A 330 -2.79 27.10 -1.07
CA GLU A 330 -1.54 27.32 -0.35
C GLU A 330 -0.32 26.86 -1.13
N ALA A 331 -0.45 26.82 -2.46
CA ALA A 331 0.67 26.47 -3.32
C ALA A 331 1.80 27.46 -3.11
N GLU A 332 1.45 28.74 -3.10
CA GLU A 332 2.42 29.81 -2.86
C GLU A 332 2.99 29.72 -1.46
N MET A 333 2.10 29.64 -0.46
CA MET A 333 2.52 29.50 0.93
C MET A 333 3.51 28.34 1.08
N ALA A 334 3.34 27.30 0.27
CA ALA A 334 4.22 26.13 0.32
C ALA A 334 5.60 26.46 -0.24
N GLN A 335 5.62 27.16 -1.37
CA GLN A 335 6.88 27.54 -2.02
C GLN A 335 7.71 28.45 -1.12
N ASN A 336 7.03 29.26 -0.31
CA ASN A 336 7.70 30.12 0.66
C ASN A 336 8.23 29.32 1.84
N ALA A 337 7.39 28.42 2.36
CA ALA A 337 7.74 27.63 3.53
C ALA A 337 9.02 26.84 3.33
N VAL A 338 9.23 26.32 2.13
CA VAL A 338 10.43 25.53 1.84
C VAL A 338 11.68 26.39 2.00
N ARG A 339 11.58 27.66 1.60
CA ARG A 339 12.68 28.60 1.77
C ARG A 339 12.79 29.05 3.22
N LEU A 340 11.67 29.48 3.80
CA LEU A 340 11.65 29.98 5.16
C LEU A 340 12.22 28.97 6.16
N HIS A 341 12.04 27.69 5.86
CA HIS A 341 12.54 26.63 6.73
C HIS A 341 13.87 26.08 6.23
N TYR A 342 14.65 26.96 5.62
CA TYR A 342 16.03 26.68 5.22
C TYR A 342 16.16 25.34 4.49
N GLY A 343 15.27 25.11 3.52
CA GLY A 343 15.30 23.87 2.77
C GLY A 343 15.85 24.02 1.37
N LEU A 344 16.11 25.25 0.96
CA LEU A 344 16.62 25.51 -0.38
C LEU A 344 18.04 24.98 -0.57
N PRO A 345 18.98 25.38 0.30
CA PRO A 345 20.36 24.93 0.14
C PRO A 345 20.48 23.41 0.00
N VAL A 346 19.86 22.68 0.92
CA VAL A 346 19.96 21.23 0.94
C VAL A 346 19.36 20.56 -0.30
N VAL A 347 18.24 21.08 -0.77
CA VAL A 347 17.58 20.54 -1.96
C VAL A 347 18.49 20.58 -3.19
N VAL A 348 19.19 21.68 -3.39
CA VAL A 348 20.10 21.80 -4.52
C VAL A 348 21.22 20.76 -4.41
N LYS A 349 21.71 20.57 -3.19
CA LYS A 349 22.77 19.59 -2.94
C LYS A 349 22.33 18.19 -3.34
N LEU A 350 21.02 18.01 -3.47
CA LEU A 350 20.45 16.70 -3.81
C LEU A 350 20.57 16.41 -5.30
N LEU A 351 20.70 17.46 -6.11
CA LEU A 351 20.93 17.29 -7.54
C LEU A 351 22.32 16.72 -7.76
N HIS A 352 23.29 17.24 -7.01
CA HIS A 352 24.67 16.79 -7.10
C HIS A 352 24.82 15.37 -6.57
N PRO A 353 25.80 14.63 -7.08
CA PRO A 353 26.09 13.26 -6.63
C PRO A 353 26.45 13.24 -5.15
N PRO A 354 26.48 12.05 -4.53
CA PRO A 354 26.18 10.76 -5.16
C PRO A 354 24.69 10.42 -5.15
N SER A 355 23.88 11.25 -5.81
CA SER A 355 22.45 10.99 -5.93
C SER A 355 22.15 10.24 -7.21
N HIS A 356 20.99 9.59 -7.26
CA HIS A 356 20.60 8.83 -8.44
C HIS A 356 19.45 9.48 -9.20
N TRP A 357 19.20 8.99 -10.41
CA TRP A 357 18.18 9.55 -11.29
C TRP A 357 16.79 9.63 -10.67
N PRO A 358 16.32 8.53 -10.06
CA PRO A 358 14.98 8.57 -9.45
C PRO A 358 14.86 9.75 -8.48
N LEU A 359 15.96 10.13 -7.86
CA LEU A 359 15.98 11.26 -6.95
C LEU A 359 16.08 12.58 -7.71
N ILE A 360 17.08 12.68 -8.58
CA ILE A 360 17.28 13.88 -9.39
C ILE A 360 16.01 14.23 -10.16
N LYS A 361 15.32 13.20 -10.64
CA LYS A 361 14.09 13.39 -11.40
C LYS A 361 13.06 14.18 -10.60
N ALA A 362 12.94 13.85 -9.31
CA ALA A 362 11.96 14.49 -8.45
C ALA A 362 12.43 15.85 -7.95
N THR A 363 13.73 15.98 -7.74
CA THR A 363 14.31 17.21 -7.22
C THR A 363 14.14 18.37 -8.20
N VAL A 364 14.43 18.10 -9.48
CA VAL A 364 14.28 19.11 -10.51
C VAL A 364 12.84 19.62 -10.56
N GLY A 365 11.89 18.69 -10.60
CA GLY A 365 10.49 19.03 -10.66
C GLY A 365 10.07 19.95 -9.53
N LEU A 366 10.62 19.71 -8.35
CA LEU A 366 10.33 20.53 -7.18
C LEU A 366 10.93 21.92 -7.33
N ILE A 367 12.13 22.00 -7.88
CA ILE A 367 12.79 23.27 -8.09
C ILE A 367 11.99 24.14 -9.05
N ARG A 368 11.39 23.49 -10.05
CA ARG A 368 10.51 24.17 -10.98
C ARG A 368 9.36 24.84 -10.22
N ASN A 369 8.76 24.09 -9.30
CA ASN A 369 7.64 24.58 -8.51
C ASN A 369 8.06 25.65 -7.49
N LEU A 370 9.31 25.58 -7.06
CA LEU A 370 9.84 26.55 -6.11
C LEU A 370 10.20 27.85 -6.82
N ALA A 371 10.44 27.75 -8.13
CA ALA A 371 10.80 28.91 -8.93
C ALA A 371 9.58 29.81 -9.18
N LEU A 372 8.38 29.24 -9.03
CA LEU A 372 7.15 29.99 -9.20
C LEU A 372 7.09 31.19 -8.27
N CYS A 373 7.46 30.98 -7.01
CA CYS A 373 7.50 32.06 -6.03
C CYS A 373 8.64 33.03 -6.34
N PRO A 374 8.29 34.31 -6.57
CA PRO A 374 9.26 35.35 -6.88
C PRO A 374 10.41 35.42 -5.87
N ALA A 375 10.09 35.29 -4.58
CA ALA A 375 11.09 35.41 -3.54
C ALA A 375 12.00 34.18 -3.42
N ASN A 376 11.92 33.30 -4.41
CA ASN A 376 12.80 32.13 -4.46
C ASN A 376 13.78 32.23 -5.63
N HIS A 377 13.51 33.15 -6.55
CA HIS A 377 14.35 33.35 -7.71
C HIS A 377 15.80 33.61 -7.30
N ALA A 378 16.02 34.69 -6.56
CA ALA A 378 17.36 35.08 -6.14
C ALA A 378 18.05 33.99 -5.30
N PRO A 379 17.39 33.53 -4.22
CA PRO A 379 17.99 32.51 -3.37
C PRO A 379 18.44 31.28 -4.17
N LEU A 380 17.58 30.77 -5.04
CA LEU A 380 17.92 29.62 -5.86
C LEU A 380 19.15 29.88 -6.73
N ARG A 381 19.19 31.04 -7.37
CA ARG A 381 20.32 31.42 -8.20
C ARG A 381 21.63 31.36 -7.42
N GLU A 382 21.64 32.00 -6.26
CA GLU A 382 22.84 32.07 -5.43
C GLU A 382 23.38 30.70 -5.08
N GLN A 383 22.49 29.72 -4.93
CA GLN A 383 22.88 28.37 -4.57
C GLN A 383 23.45 27.61 -5.76
N GLY A 384 23.68 28.33 -6.86
CA GLY A 384 24.20 27.72 -8.06
C GLY A 384 23.24 26.71 -8.65
N ALA A 385 21.94 27.00 -8.53
CA ALA A 385 20.91 26.10 -9.03
C ALA A 385 20.73 26.23 -10.54
N ILE A 386 21.49 27.13 -11.16
CA ILE A 386 21.43 27.31 -12.61
C ILE A 386 22.56 26.58 -13.33
N PRO A 387 23.82 26.78 -12.89
CA PRO A 387 24.96 26.12 -13.52
C PRO A 387 24.84 24.60 -13.46
N ARG A 388 24.41 24.08 -12.31
CA ARG A 388 24.28 22.63 -12.12
C ARG A 388 23.04 22.07 -12.81
N LEU A 389 21.98 22.86 -12.86
CA LEU A 389 20.74 22.43 -13.50
C LEU A 389 20.97 22.20 -14.99
N VAL A 390 21.56 23.18 -15.65
CA VAL A 390 21.89 23.08 -17.06
C VAL A 390 22.97 22.03 -17.31
N GLN A 391 23.89 21.92 -16.36
CA GLN A 391 24.95 20.92 -16.43
C GLN A 391 24.39 19.52 -16.58
N LEU A 392 23.26 19.27 -15.91
CA LEU A 392 22.60 17.98 -15.98
C LEU A 392 21.78 17.83 -17.25
N LEU A 393 21.37 18.96 -17.81
CA LEU A 393 20.62 18.96 -19.07
C LEU A 393 21.55 18.65 -20.24
N VAL A 394 22.81 19.07 -20.12
CA VAL A 394 23.82 18.80 -21.14
C VAL A 394 24.17 17.32 -21.14
N ARG A 395 24.33 16.75 -19.95
CA ARG A 395 24.68 15.35 -19.80
C ARG A 395 23.48 14.47 -20.13
N ALA A 396 22.29 15.05 -20.06
CA ALA A 396 21.05 14.31 -20.35
C ALA A 396 20.71 14.36 -21.84
N HIS A 397 21.24 15.37 -22.53
CA HIS A 397 20.99 15.52 -23.96
C HIS A 397 21.98 14.69 -24.77
N GLN A 398 23.18 14.50 -24.22
CA GLN A 398 24.20 13.70 -24.89
C GLN A 398 23.84 12.23 -24.88
N ASP A 399 23.22 11.78 -23.80
CA ASP A 399 22.84 10.38 -23.66
C ASP A 399 21.66 10.01 -24.56
N THR A 400 21.04 11.03 -25.14
CA THR A 400 19.94 10.82 -26.09
C THR A 400 20.43 11.02 -27.52
N GLN A 401 21.63 11.58 -27.65
CA GLN A 401 22.25 11.76 -28.95
C GLN A 401 23.10 10.54 -29.31
N ARG A 402 23.73 9.95 -28.29
CA ARG A 402 24.56 8.78 -28.49
C ARG A 402 23.72 7.55 -28.81
N VAL A 414 17.77 4.24 -17.72
CA VAL A 414 18.90 4.35 -16.80
C VAL A 414 18.42 4.53 -15.37
N GLU A 415 18.74 3.57 -14.51
CA GLU A 415 18.35 3.60 -13.11
C GLU A 415 16.83 3.75 -12.95
N GLY A 416 16.09 3.25 -13.93
CA GLY A 416 14.65 3.26 -13.88
C GLY A 416 14.02 4.53 -14.43
N VAL A 417 14.86 5.45 -14.89
CA VAL A 417 14.38 6.72 -15.42
C VAL A 417 14.93 6.99 -16.82
N ARG A 418 14.04 7.30 -17.75
CA ARG A 418 14.46 7.61 -19.11
C ARG A 418 14.96 9.05 -19.23
N MET A 419 16.05 9.22 -19.98
CA MET A 419 16.74 10.50 -20.05
C MET A 419 15.92 11.58 -20.74
N GLU A 420 14.94 11.16 -21.53
CA GLU A 420 14.10 12.10 -22.28
C GLU A 420 13.36 13.06 -21.35
N GLU A 421 12.63 12.50 -20.39
CA GLU A 421 11.88 13.32 -19.44
C GLU A 421 12.80 14.09 -18.50
N ILE A 422 14.02 13.61 -18.35
CA ILE A 422 15.04 14.31 -17.58
C ILE A 422 15.44 15.59 -18.30
N VAL A 423 15.62 15.48 -19.62
CA VAL A 423 15.91 16.63 -20.46
C VAL A 423 14.76 17.62 -20.40
N GLU A 424 13.56 17.10 -20.29
CA GLU A 424 12.36 17.94 -20.22
C GLU A 424 12.28 18.70 -18.90
N GLY A 425 12.43 17.98 -17.80
CA GLY A 425 12.34 18.57 -16.47
C GLY A 425 13.32 19.72 -16.27
N CYS A 426 14.50 19.59 -16.86
CA CYS A 426 15.53 20.62 -16.75
C CYS A 426 15.08 21.92 -17.42
N THR A 427 14.74 21.83 -18.71
CA THR A 427 14.34 23.01 -19.47
C THR A 427 13.07 23.62 -18.90
N GLY A 428 12.12 22.77 -18.52
CA GLY A 428 10.87 23.24 -17.95
C GLY A 428 11.08 24.07 -16.70
N ALA A 429 12.03 23.66 -15.88
CA ALA A 429 12.35 24.37 -14.66
C ALA A 429 13.04 25.70 -14.97
N LEU A 430 13.91 25.68 -15.98
CA LEU A 430 14.63 26.87 -16.41
C LEU A 430 13.68 27.91 -16.99
N HIS A 431 12.53 27.46 -17.47
CA HIS A 431 11.50 28.34 -17.99
C HIS A 431 10.99 29.26 -16.88
N ILE A 432 10.46 28.66 -15.83
CA ILE A 432 9.98 29.42 -14.68
C ILE A 432 11.13 30.18 -14.04
N LEU A 433 12.30 29.55 -14.04
CA LEU A 433 13.49 30.14 -13.44
C LEU A 433 14.17 31.12 -14.40
N ALA A 434 13.37 31.84 -15.17
CA ALA A 434 13.89 32.84 -16.10
C ALA A 434 13.09 34.14 -16.02
N ARG A 435 12.05 34.14 -15.18
CA ARG A 435 11.23 35.34 -14.98
C ARG A 435 12.06 36.43 -14.32
N ASP A 436 13.10 36.01 -13.61
CA ASP A 436 14.02 36.94 -12.95
C ASP A 436 15.11 37.37 -13.93
N VAL A 437 15.33 38.67 -14.04
CA VAL A 437 16.31 39.21 -14.98
C VAL A 437 17.72 38.67 -14.74
N HIS A 438 18.15 38.68 -13.48
CA HIS A 438 19.48 38.20 -13.14
C HIS A 438 19.68 36.77 -13.62
N ASN A 439 18.61 35.97 -13.56
CA ASN A 439 18.66 34.59 -14.03
C ASN A 439 18.93 34.50 -15.53
N ARG A 440 18.22 35.28 -16.31
CA ARG A 440 18.41 35.31 -17.76
C ARG A 440 19.86 35.58 -18.11
N ILE A 441 20.50 36.43 -17.31
CA ILE A 441 21.90 36.79 -17.53
C ILE A 441 22.81 35.57 -17.38
N VAL A 442 22.61 34.82 -16.30
CA VAL A 442 23.38 33.62 -16.04
C VAL A 442 23.09 32.54 -17.08
N ILE A 443 21.82 32.33 -17.39
CA ILE A 443 21.41 31.35 -18.38
C ILE A 443 22.10 31.60 -19.72
N ARG A 444 21.97 32.83 -20.22
CA ARG A 444 22.56 33.21 -21.50
C ARG A 444 24.08 33.34 -21.41
N GLY A 445 24.59 33.47 -20.19
CA GLY A 445 26.01 33.61 -19.97
C GLY A 445 26.75 32.28 -19.87
N LEU A 446 26.01 31.19 -20.05
CA LEU A 446 26.59 29.85 -19.98
C LEU A 446 26.47 29.14 -21.32
N ASN A 447 26.19 29.92 -22.38
CA ASN A 447 26.03 29.38 -23.72
C ASN A 447 24.97 28.29 -23.78
N THR A 448 23.72 28.66 -23.50
CA THR A 448 22.62 27.71 -23.49
C THR A 448 21.74 27.85 -24.72
N ILE A 449 21.88 28.98 -25.41
CA ILE A 449 21.08 29.26 -26.60
C ILE A 449 21.30 28.24 -27.73
N PRO A 450 22.57 27.91 -28.02
CA PRO A 450 22.87 26.97 -29.10
C PRO A 450 22.09 25.65 -29.00
N LEU A 451 21.98 25.12 -27.78
CA LEU A 451 21.29 23.84 -27.59
C LEU A 451 19.81 24.04 -27.26
N PHE A 452 19.42 25.30 -26.99
CA PHE A 452 18.03 25.63 -26.75
C PHE A 452 17.24 25.55 -28.06
N VAL A 453 17.95 25.62 -29.18
CA VAL A 453 17.32 25.58 -30.49
C VAL A 453 17.08 24.16 -30.94
N GLN A 454 18.03 23.27 -30.64
CA GLN A 454 17.90 21.86 -31.00
C GLN A 454 16.73 21.20 -30.29
N LEU A 455 16.26 21.83 -29.21
CA LEU A 455 15.14 21.31 -28.45
C LEU A 455 13.83 21.49 -29.22
N LEU A 456 13.85 22.38 -30.21
CA LEU A 456 12.68 22.62 -31.03
C LEU A 456 12.52 21.53 -32.08
N TYR A 457 13.60 20.78 -32.30
CA TYR A 457 13.58 19.66 -33.25
C TYR A 457 13.23 18.36 -32.54
N SER A 458 12.71 18.48 -31.32
CA SER A 458 12.36 17.32 -30.52
C SER A 458 11.02 16.73 -30.94
N PRO A 459 11.00 15.43 -31.26
CA PRO A 459 9.77 14.72 -31.63
C PRO A 459 8.71 14.84 -30.54
N ILE A 460 9.13 14.87 -29.29
CA ILE A 460 8.22 14.98 -28.15
C ILE A 460 7.61 16.38 -28.07
N GLU A 461 6.31 16.44 -27.81
CA GLU A 461 5.60 17.72 -27.73
C GLU A 461 5.92 18.43 -26.41
N ASN A 462 6.23 17.66 -25.38
CA ASN A 462 6.54 18.22 -24.08
C ASN A 462 7.87 19.00 -24.09
N ILE A 463 8.89 18.40 -24.69
CA ILE A 463 10.20 19.04 -24.78
C ILE A 463 10.10 20.35 -25.58
N GLN A 464 9.32 20.33 -26.64
CA GLN A 464 9.11 21.52 -27.46
C GLN A 464 8.33 22.59 -26.70
N ARG A 465 7.38 22.14 -25.88
CA ARG A 465 6.51 23.06 -25.14
C ARG A 465 7.30 23.94 -24.18
N VAL A 466 8.33 23.38 -23.57
CA VAL A 466 9.15 24.12 -22.61
C VAL A 466 10.35 24.76 -23.31
N ALA A 467 10.70 24.23 -24.48
CA ALA A 467 11.84 24.74 -25.24
C ALA A 467 11.55 26.13 -25.81
N ALA A 468 10.27 26.43 -25.97
CA ALA A 468 9.85 27.72 -26.50
C ALA A 468 9.52 28.70 -25.39
N GLY A 469 9.04 28.17 -24.27
CA GLY A 469 8.70 28.97 -23.11
C GLY A 469 9.91 29.64 -22.49
N VAL A 470 11.02 28.92 -22.45
CA VAL A 470 12.26 29.46 -21.87
C VAL A 470 12.84 30.58 -22.74
N LEU A 471 12.77 30.38 -24.06
CA LEU A 471 13.26 31.38 -25.00
C LEU A 471 12.29 32.56 -25.06
N CYS A 472 11.05 32.33 -24.68
CA CYS A 472 10.06 33.39 -24.58
C CYS A 472 10.47 34.40 -23.51
N GLU A 473 11.03 33.89 -22.42
CA GLU A 473 11.53 34.75 -21.35
C GLU A 473 12.85 35.39 -21.75
N LEU A 474 13.66 34.66 -22.52
CA LEU A 474 14.96 35.15 -22.97
C LEU A 474 14.81 36.16 -24.09
N ALA A 475 13.70 36.09 -24.81
CA ALA A 475 13.47 36.93 -25.98
C ALA A 475 13.17 38.37 -25.61
N GLN A 476 12.67 38.59 -24.39
CA GLN A 476 12.32 39.93 -23.94
C GLN A 476 13.57 40.81 -23.79
N ASP A 477 14.74 40.22 -24.06
CA ASP A 477 15.99 40.96 -24.08
C ASP A 477 16.39 41.25 -25.52
N LYS A 478 17.45 42.04 -25.70
CA LYS A 478 17.92 42.38 -27.03
C LYS A 478 19.13 41.53 -27.43
N GLU A 479 20.10 41.44 -26.52
CA GLU A 479 21.31 40.68 -26.76
C GLU A 479 21.01 39.18 -26.81
N ALA A 480 19.79 38.82 -26.43
CA ALA A 480 19.37 37.42 -26.44
C ALA A 480 18.55 37.08 -27.67
N ALA A 481 17.70 38.01 -28.09
CA ALA A 481 16.83 37.81 -29.25
C ALA A 481 17.64 37.67 -30.54
N GLU A 482 18.83 38.26 -30.55
CA GLU A 482 19.70 38.22 -31.73
C GLU A 482 20.48 36.91 -31.82
N ALA A 483 21.03 36.48 -30.69
CA ALA A 483 21.79 35.24 -30.63
C ALA A 483 20.93 34.05 -31.04
N ILE A 484 19.62 34.21 -30.91
CA ILE A 484 18.67 33.17 -31.29
C ILE A 484 18.51 33.09 -32.81
N GLU A 485 18.27 34.24 -33.43
CA GLU A 485 18.11 34.31 -34.88
C GLU A 485 19.42 34.03 -35.60
N ALA A 486 20.52 34.41 -34.97
CA ALA A 486 21.85 34.21 -35.55
C ALA A 486 22.18 32.72 -35.61
N GLU A 487 21.56 31.95 -34.74
CA GLU A 487 21.78 30.51 -34.69
C GLU A 487 20.97 29.80 -35.76
N GLY A 488 19.85 30.40 -36.13
CA GLY A 488 18.98 29.83 -37.16
C GLY A 488 17.68 29.30 -36.59
N ALA A 489 17.32 29.77 -35.40
CA ALA A 489 16.12 29.32 -34.72
C ALA A 489 14.87 30.03 -35.23
N THR A 490 15.08 31.00 -36.11
CA THR A 490 13.97 31.78 -36.66
C THR A 490 13.05 30.91 -37.52
N ALA A 491 13.59 29.80 -38.02
CA ALA A 491 12.82 28.92 -38.89
C ALA A 491 11.95 27.90 -38.15
N PRO A 492 12.56 27.10 -37.26
CA PRO A 492 11.78 26.09 -36.52
C PRO A 492 10.62 26.71 -35.75
N LEU A 493 10.84 27.89 -35.18
CA LEU A 493 9.81 28.59 -34.43
C LEU A 493 8.56 28.81 -35.29
N THR A 494 8.78 29.05 -36.58
CA THR A 494 7.69 29.25 -37.52
C THR A 494 6.92 27.95 -37.74
N GLU A 495 7.60 26.82 -37.55
CA GLU A 495 7.00 25.51 -37.73
C GLU A 495 6.11 25.14 -36.54
N LEU A 496 6.58 25.41 -35.33
CA LEU A 496 5.85 25.08 -34.12
C LEU A 496 4.61 25.94 -33.94
N LEU A 497 4.41 26.88 -34.85
CA LEU A 497 3.22 27.73 -34.81
C LEU A 497 1.98 26.92 -35.16
N HIS A 498 2.19 25.83 -35.88
CA HIS A 498 1.09 25.03 -36.40
C HIS A 498 0.89 23.75 -35.60
N SER A 499 1.83 23.44 -34.71
CA SER A 499 1.75 22.24 -33.90
C SER A 499 0.37 22.08 -33.26
N ARG A 500 -0.22 20.90 -33.45
CA ARG A 500 -1.55 20.61 -32.92
C ARG A 500 -1.60 20.73 -31.40
N ASN A 501 -0.44 20.67 -30.76
CA ASN A 501 -0.36 20.85 -29.31
C ASN A 501 -0.80 22.26 -28.92
N GLU A 502 -1.74 22.35 -27.99
CA GLU A 502 -2.30 23.63 -27.59
C GLU A 502 -1.26 24.52 -26.90
N GLY A 503 -0.36 23.89 -26.17
CA GLY A 503 0.67 24.62 -25.44
C GLY A 503 1.83 25.07 -26.32
N VAL A 504 2.34 24.15 -27.12
CA VAL A 504 3.46 24.44 -28.00
C VAL A 504 3.16 25.60 -28.96
N ALA A 505 1.89 25.72 -29.35
CA ALA A 505 1.48 26.75 -30.29
C ALA A 505 1.26 28.10 -29.63
N THR A 506 1.39 28.14 -28.30
CA THR A 506 1.17 29.38 -27.55
C THR A 506 2.46 30.15 -27.32
N TYR A 507 3.51 29.45 -26.88
CA TYR A 507 4.80 30.07 -26.62
C TYR A 507 5.56 30.33 -27.91
N ALA A 508 5.56 29.34 -28.80
CA ALA A 508 6.27 29.45 -30.07
C ALA A 508 5.83 30.69 -30.83
N ALA A 509 4.58 31.10 -30.63
CA ALA A 509 4.05 32.30 -31.28
C ALA A 509 4.55 33.56 -30.60
N ALA A 510 4.62 33.54 -29.27
CA ALA A 510 5.04 34.69 -28.50
C ALA A 510 6.55 34.94 -28.60
N VAL A 511 7.29 33.90 -28.97
CA VAL A 511 8.74 34.02 -29.13
C VAL A 511 9.08 34.91 -30.33
N LEU A 512 8.60 34.51 -31.50
CA LEU A 512 8.81 35.28 -32.72
C LEU A 512 8.30 36.70 -32.57
N PHE A 513 7.16 36.84 -31.90
CA PHE A 513 6.57 38.15 -31.65
C PHE A 513 7.54 39.04 -30.88
N ARG A 514 8.14 38.48 -29.83
CA ARG A 514 9.08 39.23 -29.01
C ARG A 514 10.25 39.72 -29.86
N MET A 515 10.54 39.00 -30.94
CA MET A 515 11.60 39.38 -31.86
C MET A 515 11.07 40.33 -32.94
N SER A 516 9.76 40.44 -33.01
CA SER A 516 9.11 41.32 -33.99
C SER A 516 9.04 42.76 -33.46
N GLU A 517 8.59 42.91 -32.22
CA GLU A 517 8.51 44.23 -31.60
C GLU A 517 9.69 44.49 -30.66
N ASP A 518 10.78 45.00 -31.21
CA ASP A 518 11.97 45.32 -30.44
C ASP A 518 11.97 46.79 -30.02
N ARG B 2 -19.30 -18.53 31.32
CA ARG B 2 -18.44 -18.36 30.15
C ARG B 2 -18.61 -19.51 29.17
N TRP B 3 -19.82 -19.67 28.64
CA TRP B 3 -20.12 -20.74 27.70
C TRP B 3 -21.01 -20.26 26.55
N PRO B 4 -20.71 -20.73 25.33
CA PRO B 4 -19.60 -21.64 25.03
C PRO B 4 -18.31 -20.88 24.76
N GLN B 5 -18.26 -19.64 25.24
CA GLN B 5 -17.14 -18.74 24.96
C GLN B 5 -15.80 -19.37 25.32
N ILE B 7 -14.59 -22.09 24.93
CA ILE B 7 -13.93 -22.83 23.87
C ILE B 7 -12.93 -21.96 23.13
N LEU B 8 -13.32 -20.72 22.87
CA LEU B 8 -12.49 -19.78 22.13
C LEU B 8 -11.37 -19.24 23.01
N ASP B 9 -11.69 -18.98 24.27
CA ASP B 9 -10.74 -18.43 25.22
C ASP B 9 -9.59 -19.40 25.46
N HIS B 11 -8.54 -21.63 23.58
CA HIS B 11 -7.85 -21.78 22.33
C HIS B 11 -6.91 -20.59 22.07
N VAL B 12 -7.43 -19.39 22.28
CA VAL B 12 -6.63 -18.17 22.12
C VAL B 12 -5.35 -18.29 22.93
N ARG B 13 -5.48 -18.69 24.20
CA ARG B 13 -4.34 -18.85 25.07
C ARG B 13 -3.32 -19.81 24.45
N ARG B 14 -3.83 -20.91 23.89
CA ARG B 14 -2.98 -21.93 23.27
C ARG B 14 -2.15 -21.36 22.12
N VAL B 15 -2.71 -20.38 21.41
CA VAL B 15 -2.07 -19.85 20.21
C VAL B 15 -1.48 -18.46 20.42
N TRP B 16 -2.35 -17.46 20.55
CA TRP B 16 -1.90 -16.08 20.74
C TRP B 16 -1.33 -15.86 22.13
#